data_7RKW
#
_entry.id   7RKW
#
_cell.length_a   121.290
_cell.length_b   55.280
_cell.length_c   72.060
_cell.angle_alpha   90.000
_cell.angle_beta   100.140
_cell.angle_gamma   90.000
#
_symmetry.space_group_name_H-M   'C 1 2 1'
#
loop_
_entity.id
_entity.type
_entity.pdbx_description
1 polymer 'Protein CYP51'
2 non-polymer 'PROTOPORPHYRIN IX CONTAINING FE'
3 non-polymer '(1S)-1-(4-fluorophenyl)-2-(1H-imidazol-1-yl)ethyl 3,5-dichlorobenzoate'
4 non-polymer GLYCEROL
5 water water
#
_entity_poly.entity_id   1
_entity_poly.type   'polypeptide(L)'
_entity_poly.pdbx_seq_one_letter_code
;MAKKTSSKGKLPPRVPNLIPYVGSFVSFAKNPVQFIIDNSKKYGDVFTATILGKEMTFLNHPKILDTFFKATDNELSLRD
VYRFMRPVFGTGVVYDADSTERMMEQVKFVSSGLTTARFRVFVDIFEDEIAHKVKELGPEGTVDVAELMADLIIFTASRC
LLGDEVRQYLSEKNLGKLYHDIDDGISPLSFFYPSLPAPKRDKARKAVGEIFQELLDKRREEHKKHPERLLDESKMDVVD
HLLTQKYKDGQELTDVHRIGILIAGLFAGQHTSSITSSWTLMNVISNKKVLEKVRKEQEEIMGSDKVLDYDKVMKMDYLE
ACMKEALRMYPPLIMIMRMARKPRECEQYIIPKGNILVVSPSVAGRCTDTYTNPDVFDPERLTERKEHEKFKYGAVPFGA
GRHKCIGENFALLQVKSIISILLRYFDMEYIGKIPDPSYTSLVVGPSPPTRMRYKLRKQQHHHHHH
;
_entity_poly.pdbx_strand_id   A
#
loop_
_chem_comp.id
_chem_comp.type
_chem_comp.name
_chem_comp.formula
5TV non-polymer '(1S)-1-(4-fluorophenyl)-2-(1H-imidazol-1-yl)ethyl 3,5-dichlorobenzoate' 'C18 H13 Cl2 F N2 O2'
GOL non-polymer GLYCEROL 'C3 H8 O3'
HEM non-polymer 'PROTOPORPHYRIN IX CONTAINING FE' 'C34 H32 Fe N4 O4'
#
# COMPACT_ATOMS: atom_id res chain seq x y z
N LYS A 10 -1.81 35.39 -10.16
CA LYS A 10 -1.02 34.36 -10.87
C LYS A 10 -0.67 33.21 -9.85
N LEU A 11 0.44 33.33 -9.13
CA LEU A 11 1.02 32.21 -8.38
C LEU A 11 0.34 32.10 -7.02
N PRO A 12 0.24 30.87 -6.44
CA PRO A 12 -0.34 30.70 -5.10
C PRO A 12 0.49 31.33 -3.97
N PRO A 13 -0.11 31.56 -2.81
CA PRO A 13 0.63 32.07 -1.64
C PRO A 13 1.75 31.14 -1.17
N ARG A 14 2.94 31.69 -0.94
CA ARG A 14 4.09 30.92 -0.42
C ARG A 14 4.19 30.79 1.10
N VAL A 15 4.68 29.66 1.56
CA VAL A 15 5.10 29.54 2.93
C VAL A 15 6.47 30.20 2.92
N PRO A 16 6.70 31.14 3.84
CA PRO A 16 8.01 31.75 3.87
C PRO A 16 9.00 30.71 4.31
N ASN A 17 10.17 30.73 3.69
CA ASN A 17 11.24 29.79 4.00
C ASN A 17 12.05 30.14 5.26
N LEU A 18 12.41 29.15 6.08
CA LEU A 18 13.38 29.34 7.16
C LEU A 18 14.69 29.96 6.58
N ILE A 19 15.23 29.32 5.55
CA ILE A 19 16.54 29.58 4.90
C ILE A 19 16.34 29.70 3.37
N PRO A 20 17.33 30.18 2.60
CA PRO A 20 17.35 29.81 1.16
C PRO A 20 17.65 28.32 0.90
N TYR A 21 17.15 27.80 -0.22
CA TYR A 21 17.34 26.40 -0.63
C TYR A 21 16.59 25.38 0.25
N VAL A 22 17.08 25.14 1.47
CA VAL A 22 16.47 24.16 2.37
C VAL A 22 14.94 24.42 2.59
N GLY A 23 14.61 25.72 2.57
CA GLY A 23 13.32 26.30 2.83
C GLY A 23 12.62 25.78 4.05
N SER A 24 11.46 25.14 3.78
CA SER A 24 10.59 24.68 4.83
C SER A 24 10.87 23.23 5.19
N PHE A 25 11.99 22.70 4.75
CA PHE A 25 12.26 21.28 5.01
C PHE A 25 12.19 20.84 6.46
N VAL A 26 12.70 21.66 7.39
CA VAL A 26 12.82 21.17 8.76
C VAL A 26 11.45 20.90 9.39
N SER A 27 10.52 21.85 9.23
CA SER A 27 9.16 21.70 9.77
C SER A 27 8.37 20.65 8.96
N PHE A 28 8.65 20.56 7.67
CA PHE A 28 8.10 19.51 6.78
C PHE A 28 8.52 18.13 7.25
N ALA A 29 9.83 17.98 7.42
CA ALA A 29 10.43 16.72 7.92
C ALA A 29 10.03 16.38 9.34
N LYS A 30 9.81 17.37 10.19
CA LYS A 30 9.31 17.13 11.55
C LYS A 30 7.97 16.38 11.52
N ASN A 31 7.08 16.77 10.61
CA ASN A 31 5.77 16.17 10.48
C ASN A 31 5.08 16.71 9.27
N PRO A 32 5.13 15.99 8.14
CA PRO A 32 4.60 16.60 6.94
C PRO A 32 3.11 16.77 6.98
N VAL A 33 2.38 15.93 7.70
CA VAL A 33 0.91 16.12 7.75
C VAL A 33 0.54 17.40 8.52
N GLN A 34 1.10 17.56 9.70
CA GLN A 34 0.92 18.81 10.49
C GLN A 34 1.40 20.06 9.75
N PHE A 35 2.51 19.93 9.01
CA PHE A 35 2.99 20.98 8.12
C PHE A 35 1.93 21.44 7.14
N ILE A 36 1.23 20.49 6.53
CA ILE A 36 0.22 20.87 5.56
C ILE A 36 -1.06 21.45 6.22
N ILE A 37 -1.42 20.92 7.37
CA ILE A 37 -2.58 21.43 8.11
C ILE A 37 -2.28 22.85 8.51
N ASP A 38 -1.17 23.03 9.22
CA ASP A 38 -0.81 24.34 9.74
C ASP A 38 -0.76 25.37 8.65
N ASN A 39 -0.08 25.04 7.57
CA ASN A 39 0.04 26.02 6.49
C ASN A 39 -1.17 26.21 5.65
N SER A 40 -2.08 25.24 5.61
CA SER A 40 -3.36 25.44 4.88
C SER A 40 -4.21 26.45 5.65
N LYS A 41 -4.30 26.29 6.97
CA LYS A 41 -4.91 27.34 7.79
C LYS A 41 -4.30 28.72 7.50
N LYS A 42 -2.98 28.83 7.44
CA LYS A 42 -2.33 30.12 7.17
C LYS A 42 -2.58 30.66 5.78
N TYR A 43 -2.54 29.81 4.76
CA TYR A 43 -2.44 30.28 3.36
C TYR A 43 -3.54 29.80 2.39
N GLY A 44 -4.51 29.04 2.90
CA GLY A 44 -5.63 28.54 2.11
C GLY A 44 -5.50 27.13 1.50
N ASP A 45 -6.42 26.88 0.60
CA ASP A 45 -6.54 25.63 -0.15
C ASP A 45 -5.34 25.25 -1.02
N VAL A 46 -4.51 26.24 -1.41
CA VAL A 46 -3.41 26.03 -2.32
C VAL A 46 -2.23 26.92 -1.90
N PHE A 47 -1.11 26.33 -1.52
CA PHE A 47 0.11 27.10 -1.27
C PHE A 47 1.30 26.31 -1.73
N THR A 48 2.41 27.03 -1.95
CA THR A 48 3.65 26.52 -2.45
C THR A 48 4.74 26.70 -1.42
N ALA A 49 5.69 25.78 -1.41
CA ALA A 49 6.80 25.82 -0.46
C ALA A 49 8.04 25.31 -1.13
N THR A 50 9.17 25.93 -0.83
CA THR A 50 10.43 25.38 -1.21
C THR A 50 10.94 24.38 -0.20
N ILE A 51 11.40 23.23 -0.71
CA ILE A 51 11.79 22.10 0.10
C ILE A 51 12.96 21.38 -0.61
N LEU A 52 14.13 21.55 -0.02
CA LEU A 52 15.39 21.05 -0.58
C LEU A 52 15.48 21.30 -2.06
N GLY A 53 15.24 22.56 -2.44
CA GLY A 53 15.32 22.96 -3.85
C GLY A 53 14.06 22.82 -4.67
N LYS A 54 13.12 21.96 -4.26
CA LYS A 54 11.86 21.71 -5.03
C LYS A 54 10.73 22.67 -4.64
N GLU A 55 10.05 23.18 -5.65
CA GLU A 55 8.86 23.94 -5.47
C GLU A 55 7.67 22.95 -5.37
N MET A 56 7.05 22.89 -4.20
CA MET A 56 6.01 21.95 -3.89
C MET A 56 4.76 22.69 -3.54
N THR A 57 3.72 22.45 -4.34
CA THR A 57 2.41 23.11 -4.20
C THR A 57 1.41 22.09 -3.71
N PHE A 58 0.87 22.38 -2.54
CA PHE A 58 0.05 21.49 -1.81
C PHE A 58 -1.40 21.87 -2.08
N LEU A 59 -2.22 20.93 -2.54
CA LEU A 59 -3.69 21.12 -2.71
C LEU A 59 -4.43 20.42 -1.55
N ASN A 60 -5.17 21.16 -0.72
CA ASN A 60 -5.61 20.63 0.58
C ASN A 60 -7.09 20.53 0.85
N HIS A 61 -7.95 21.01 -0.05
CA HIS A 61 -9.38 20.79 0.11
C HIS A 61 -9.99 19.88 -0.97
N PRO A 62 -10.87 18.92 -0.57
CA PRO A 62 -11.60 18.01 -1.49
C PRO A 62 -12.15 18.64 -2.76
N LYS A 63 -12.75 19.82 -2.61
CA LYS A 63 -13.32 20.57 -3.73
C LYS A 63 -12.38 20.84 -4.91
N ILE A 64 -11.08 21.00 -4.68
CA ILE A 64 -10.15 21.32 -5.81
C ILE A 64 -9.42 20.13 -6.46
N LEU A 65 -9.69 18.92 -5.99
CA LEU A 65 -8.87 17.78 -6.37
C LEU A 65 -9.10 17.22 -7.78
N ASP A 66 -10.19 17.56 -8.46
CA ASP A 66 -10.48 16.90 -9.76
C ASP A 66 -9.47 17.27 -10.83
N THR A 67 -9.00 18.51 -10.75
CA THR A 67 -8.02 19.01 -11.66
C THR A 67 -6.72 18.19 -11.51
N PHE A 68 -6.40 17.76 -10.30
CA PHE A 68 -5.24 16.89 -10.00
C PHE A 68 -5.46 15.47 -10.55
N PHE A 69 -6.58 14.86 -10.16
CA PHE A 69 -6.85 13.46 -10.46
C PHE A 69 -7.23 13.14 -11.90
N LYS A 70 -7.75 14.09 -12.68
CA LYS A 70 -8.22 13.78 -14.04
C LYS A 70 -7.34 14.29 -15.13
N ALA A 71 -6.23 14.89 -14.74
CA ALA A 71 -5.18 15.19 -15.67
C ALA A 71 -4.70 13.98 -16.44
N THR A 72 -4.02 14.23 -17.56
CA THR A 72 -3.30 13.21 -18.26
C THR A 72 -1.82 13.36 -17.95
N ASP A 73 -1.09 12.32 -18.35
CA ASP A 73 0.29 12.17 -17.98
C ASP A 73 1.29 13.09 -18.72
N ASN A 74 0.82 13.80 -19.73
CA ASN A 74 1.64 14.88 -20.32
C ASN A 74 1.30 16.27 -19.75
N GLU A 75 0.17 16.39 -19.03
CA GLU A 75 -0.12 17.56 -18.17
C GLU A 75 0.58 17.37 -16.78
N LEU A 76 0.13 16.35 -15.99
CA LEU A 76 0.69 15.96 -14.65
C LEU A 76 1.36 14.57 -14.61
N SER A 77 2.69 14.55 -14.49
CA SER A 77 3.51 13.41 -14.71
C SER A 77 3.90 12.70 -13.38
N LEU A 78 3.69 11.40 -13.33
CA LEU A 78 4.14 10.53 -12.23
C LEU A 78 5.58 10.10 -12.40
N ARG A 79 5.94 9.74 -13.61
CA ARG A 79 7.26 9.31 -13.95
C ARG A 79 8.36 10.36 -13.60
N ASP A 80 8.09 11.64 -13.72
CA ASP A 80 9.01 12.68 -13.31
C ASP A 80 9.23 12.73 -11.78
N VAL A 81 8.27 12.30 -10.97
CA VAL A 81 8.44 12.42 -9.48
C VAL A 81 8.89 11.11 -8.82
N TYR A 82 8.49 9.98 -9.38
CA TYR A 82 8.75 8.66 -8.73
C TYR A 82 9.82 7.82 -9.37
N ARG A 83 10.54 8.42 -10.30
CA ARG A 83 11.61 7.82 -10.96
C ARG A 83 12.78 7.47 -10.03
N PHE A 84 13.04 8.22 -8.96
CA PHE A 84 13.97 7.72 -7.87
C PHE A 84 13.82 6.26 -7.40
N MET A 85 12.66 5.61 -7.65
CA MET A 85 12.46 4.20 -7.29
C MET A 85 13.15 3.26 -8.24
N ARG A 86 13.84 3.80 -9.25
CA ARG A 86 14.50 2.95 -10.25
C ARG A 86 15.46 1.88 -9.68
N PRO A 87 16.26 2.23 -8.66
CA PRO A 87 17.15 1.18 -8.08
C PRO A 87 16.42 0.06 -7.36
N VAL A 88 15.19 0.31 -6.91
CA VAL A 88 14.40 -0.76 -6.30
C VAL A 88 13.65 -1.57 -7.32
N PHE A 89 12.87 -0.91 -8.18
CA PHE A 89 12.05 -1.68 -9.08
C PHE A 89 12.88 -2.11 -10.26
N GLY A 90 13.77 -1.25 -10.74
CA GLY A 90 14.62 -1.60 -11.87
C GLY A 90 14.51 -0.72 -13.09
N THR A 91 15.57 -0.77 -13.89
CA THR A 91 15.68 -0.01 -15.13
C THR A 91 14.58 -0.44 -16.06
N GLY A 92 13.92 0.51 -16.74
CA GLY A 92 12.87 0.24 -17.71
C GLY A 92 11.51 -0.29 -17.21
N VAL A 93 11.21 -0.10 -15.95
CA VAL A 93 10.02 -0.70 -15.35
C VAL A 93 9.28 0.38 -14.57
N VAL A 94 7.96 0.42 -14.70
CA VAL A 94 7.11 1.17 -13.85
C VAL A 94 7.42 2.65 -14.12
N TYR A 95 7.88 3.43 -13.12
CA TYR A 95 8.12 4.86 -13.29
C TYR A 95 9.34 5.12 -14.14
N ASP A 96 10.16 4.09 -14.35
CA ASP A 96 11.25 4.26 -15.25
C ASP A 96 10.92 3.56 -16.59
N ALA A 97 9.65 3.27 -16.90
CA ALA A 97 9.34 2.70 -18.20
C ALA A 97 9.67 3.75 -19.32
N ASP A 98 9.92 3.26 -20.52
CA ASP A 98 10.13 4.13 -21.72
C ASP A 98 9.01 5.11 -22.00
N SER A 99 7.77 4.73 -21.70
CA SER A 99 6.63 5.60 -21.84
C SER A 99 5.58 5.32 -20.82
N THR A 100 4.68 6.28 -20.69
CA THR A 100 3.48 6.14 -19.97
C THR A 100 2.63 4.96 -20.40
N GLU A 101 2.67 4.62 -21.70
CA GLU A 101 1.86 3.54 -22.24
C GLU A 101 2.43 2.21 -21.80
N ARG A 102 3.75 2.13 -21.84
CA ARG A 102 4.50 0.94 -21.39
C ARG A 102 4.29 0.60 -19.88
N MET A 103 4.40 1.62 -19.06
CA MET A 103 4.07 1.62 -17.64
C MET A 103 2.66 1.09 -17.42
N MET A 104 1.68 1.66 -18.11
CA MET A 104 0.29 1.12 -18.08
C MET A 104 0.19 -0.35 -18.48
N GLU A 105 0.95 -0.83 -19.46
CA GLU A 105 0.90 -2.25 -19.76
C GLU A 105 1.50 -3.09 -18.72
N GLN A 106 2.55 -2.58 -18.10
CA GLN A 106 3.22 -3.38 -17.07
C GLN A 106 2.31 -3.56 -15.83
N VAL A 107 1.55 -2.51 -15.49
CA VAL A 107 0.64 -2.51 -14.39
C VAL A 107 -0.47 -3.49 -14.67
N LYS A 108 -0.94 -3.51 -15.93
CA LYS A 108 -1.88 -4.53 -16.33
C LYS A 108 -1.36 -5.94 -16.17
N PHE A 109 -0.08 -6.25 -16.36
CA PHE A 109 0.34 -7.64 -16.06
C PHE A 109 0.13 -8.08 -14.57
N VAL A 110 0.33 -7.16 -13.61
CA VAL A 110 0.13 -7.47 -12.19
C VAL A 110 -1.38 -7.63 -11.99
N SER A 111 -2.16 -6.70 -12.53
CA SER A 111 -3.56 -6.74 -12.27
C SER A 111 -4.18 -8.02 -12.84
N SER A 112 -3.55 -8.64 -13.84
CA SER A 112 -4.12 -9.81 -14.46
C SER A 112 -3.94 -11.09 -13.59
N GLY A 113 -3.06 -11.08 -12.58
CA GLY A 113 -3.09 -12.14 -11.54
C GLY A 113 -4.01 -11.85 -10.35
N LEU A 114 -4.84 -10.81 -10.44
CA LEU A 114 -5.76 -10.44 -9.38
C LEU A 114 -7.24 -10.60 -9.74
N THR A 115 -7.57 -11.74 -10.22
CA THR A 115 -8.91 -12.05 -10.73
C THR A 115 -9.65 -12.76 -9.59
N THR A 116 -10.95 -12.95 -9.77
CA THR A 116 -11.86 -13.59 -8.83
C THR A 116 -11.39 -15.00 -8.60
N ALA A 117 -11.04 -15.63 -9.70
CA ALA A 117 -10.59 -16.99 -9.67
C ALA A 117 -9.38 -17.20 -8.79
N ARG A 118 -8.42 -16.27 -8.86
CA ARG A 118 -7.29 -16.32 -8.02
C ARG A 118 -7.69 -15.97 -6.56
N PHE A 119 -8.62 -15.06 -6.37
CA PHE A 119 -9.02 -14.64 -5.05
C PHE A 119 -9.57 -15.80 -4.23
N ARG A 120 -10.26 -16.74 -4.88
CA ARG A 120 -10.77 -17.94 -4.17
C ARG A 120 -9.61 -18.78 -3.62
N VAL A 121 -8.54 -18.90 -4.39
CA VAL A 121 -7.33 -19.65 -4.00
C VAL A 121 -6.54 -18.86 -2.95
N PHE A 122 -6.54 -17.53 -3.06
CA PHE A 122 -5.80 -16.72 -2.12
C PHE A 122 -6.38 -16.94 -0.67
N VAL A 123 -7.71 -17.10 -0.51
CA VAL A 123 -8.29 -17.27 0.85
C VAL A 123 -7.67 -18.49 1.54
N ASP A 124 -7.46 -19.54 0.76
CA ASP A 124 -6.85 -20.78 1.26
C ASP A 124 -5.38 -20.64 1.61
N ILE A 125 -4.69 -19.79 0.84
CA ILE A 125 -3.34 -19.47 1.15
C ILE A 125 -3.24 -18.78 2.51
N PHE A 126 -4.12 -17.80 2.72
CA PHE A 126 -4.15 -17.08 3.98
C PHE A 126 -4.40 -18.05 5.21
N GLU A 127 -5.34 -18.94 5.07
CA GLU A 127 -5.62 -20.01 6.07
C GLU A 127 -4.38 -20.84 6.33
N ASP A 128 -3.70 -21.25 5.26
CA ASP A 128 -2.51 -22.08 5.38
C ASP A 128 -1.35 -21.36 6.09
N GLU A 129 -1.04 -20.14 5.69
CA GLU A 129 0.05 -19.44 6.30
C GLU A 129 -0.20 -19.13 7.79
N ILE A 130 -1.43 -18.75 8.15
CA ILE A 130 -1.76 -18.49 9.53
C ILE A 130 -1.68 -19.79 10.37
N ALA A 131 -2.17 -20.89 9.83
CA ALA A 131 -2.01 -22.18 10.49
C ALA A 131 -0.55 -22.47 10.77
N HIS A 132 0.31 -22.27 9.79
CA HIS A 132 1.77 -22.39 10.07
C HIS A 132 2.17 -21.39 11.16
N LYS A 133 1.72 -20.14 11.10
CA LYS A 133 2.15 -19.16 12.12
C LYS A 133 1.68 -19.42 13.55
N VAL A 134 0.50 -19.96 13.69
CA VAL A 134 -0.02 -20.26 15.05
C VAL A 134 0.90 -21.21 15.84
N LYS A 135 1.60 -22.13 15.17
CA LYS A 135 2.55 -23.05 15.84
C LYS A 135 3.75 -22.28 16.46
N GLU A 136 4.23 -21.23 15.84
CA GLU A 136 5.23 -20.38 16.48
C GLU A 136 4.68 -19.64 17.69
N LEU A 137 3.42 -19.20 17.63
CA LEU A 137 2.89 -18.35 18.68
C LEU A 137 2.48 -19.12 19.93
N GLY A 138 2.18 -20.40 19.80
CA GLY A 138 1.69 -21.19 20.90
C GLY A 138 0.33 -20.78 21.44
N PRO A 139 -0.08 -21.37 22.58
CA PRO A 139 -1.43 -21.12 23.06
C PRO A 139 -1.63 -19.77 23.75
N GLU A 140 -0.57 -19.09 24.13
CA GLU A 140 -0.70 -17.78 24.79
C GLU A 140 0.61 -17.03 24.67
N GLY A 141 0.59 -15.71 24.82
CA GLY A 141 1.79 -14.93 24.72
C GLY A 141 1.52 -13.48 24.40
N THR A 142 2.57 -12.76 24.06
CA THR A 142 2.44 -11.44 23.56
C THR A 142 3.29 -11.39 22.28
N VAL A 143 2.94 -10.51 21.34
CA VAL A 143 3.65 -10.45 20.04
C VAL A 143 3.56 -9.05 19.56
N ASP A 144 4.55 -8.64 18.81
CA ASP A 144 4.56 -7.36 18.16
C ASP A 144 3.57 -7.42 16.97
N VAL A 145 2.62 -6.50 16.91
CA VAL A 145 1.53 -6.58 15.95
C VAL A 145 2.05 -6.26 14.56
N ALA A 146 2.78 -5.14 14.43
CA ALA A 146 3.36 -4.70 13.15
C ALA A 146 4.20 -5.80 12.49
N GLU A 147 4.98 -6.52 13.29
CA GLU A 147 5.81 -7.60 12.75
C GLU A 147 5.07 -8.82 12.40
N LEU A 148 4.11 -9.19 13.23
CA LEU A 148 3.30 -10.33 12.90
C LEU A 148 2.64 -10.10 11.56
N MET A 149 2.08 -8.89 11.36
CA MET A 149 1.40 -8.61 10.12
C MET A 149 2.40 -8.62 8.92
N ALA A 150 3.55 -8.02 9.09
CA ALA A 150 4.55 -7.92 8.03
C ALA A 150 4.97 -9.31 7.67
N ASP A 151 5.15 -10.15 8.67
CA ASP A 151 5.64 -11.49 8.41
C ASP A 151 4.58 -12.33 7.69
N LEU A 152 3.31 -12.21 8.10
CA LEU A 152 2.23 -12.95 7.46
C LEU A 152 1.95 -12.43 6.00
N ILE A 153 2.07 -11.12 5.80
CA ILE A 153 1.80 -10.51 4.52
C ILE A 153 2.91 -10.86 3.51
N ILE A 154 4.13 -10.95 3.97
CA ILE A 154 5.24 -11.37 3.15
C ILE A 154 5.03 -12.79 2.58
N PHE A 155 4.65 -13.76 3.42
CA PHE A 155 4.45 -15.09 2.93
C PHE A 155 3.19 -15.13 2.07
N THR A 156 2.16 -14.36 2.42
CA THR A 156 0.90 -14.57 1.74
C THR A 156 0.95 -13.89 0.39
N ALA A 157 1.34 -12.62 0.34
CA ALA A 157 1.50 -11.90 -0.91
C ALA A 157 2.47 -12.60 -1.91
N SER A 158 3.63 -13.04 -1.43
CA SER A 158 4.57 -13.80 -2.26
C SER A 158 3.92 -14.99 -2.90
N ARG A 159 3.18 -15.78 -2.14
CA ARG A 159 2.57 -16.98 -2.71
C ARG A 159 1.44 -16.63 -3.57
N CYS A 160 0.71 -15.55 -3.23
CA CYS A 160 -0.45 -15.15 -4.07
C CYS A 160 0.02 -14.72 -5.51
N LEU A 161 1.06 -13.88 -5.56
CA LEU A 161 1.56 -13.30 -6.77
C LEU A 161 2.51 -14.20 -7.49
N LEU A 162 3.38 -14.88 -6.76
CA LEU A 162 4.43 -15.64 -7.42
C LEU A 162 4.14 -17.10 -7.58
N GLY A 163 3.12 -17.61 -6.89
CA GLY A 163 2.87 -19.08 -6.83
C GLY A 163 3.61 -19.78 -5.71
N ASP A 164 3.30 -21.04 -5.49
CA ASP A 164 3.74 -21.73 -4.26
C ASP A 164 5.22 -22.17 -4.27
N GLU A 165 5.75 -22.26 -5.49
CA GLU A 165 7.17 -22.46 -5.75
C GLU A 165 8.07 -21.46 -5.01
N VAL A 166 7.58 -20.23 -4.72
CA VAL A 166 8.37 -19.27 -3.92
C VAL A 166 8.57 -19.70 -2.47
N ARG A 167 7.76 -20.62 -1.94
CA ARG A 167 7.75 -20.83 -0.47
C ARG A 167 9.06 -21.39 0.11
N GLN A 168 9.74 -22.28 -0.62
CA GLN A 168 11.03 -22.80 -0.14
C GLN A 168 12.07 -21.70 -0.04
N TYR A 169 12.10 -20.79 -1.02
CA TYR A 169 13.02 -19.68 -0.99
C TYR A 169 12.81 -18.77 0.23
N LEU A 170 11.58 -18.63 0.71
CA LEU A 170 11.29 -17.85 1.94
C LEU A 170 11.81 -18.61 3.14
N SER A 171 11.34 -19.83 3.27
CA SER A 171 11.61 -20.64 4.47
C SER A 171 13.04 -21.23 4.53
N GLU A 172 13.74 -21.31 3.38
CA GLU A 172 15.14 -21.82 3.36
C GLU A 172 16.13 -21.05 2.44
N LYS A 173 15.85 -19.78 2.12
CA LYS A 173 16.82 -18.88 1.45
C LYS A 173 16.72 -17.37 1.85
N ASN A 174 16.13 -17.06 3.03
CA ASN A 174 16.16 -15.69 3.63
C ASN A 174 15.45 -14.52 2.85
N LEU A 175 14.57 -14.88 1.91
CA LEU A 175 13.95 -13.89 1.00
C LEU A 175 13.24 -12.81 1.81
N GLY A 176 12.61 -13.20 2.92
CA GLY A 176 12.00 -12.21 3.83
C GLY A 176 12.96 -11.15 4.37
N LYS A 177 14.17 -11.58 4.71
CA LYS A 177 15.21 -10.63 5.17
C LYS A 177 15.73 -9.75 3.99
N LEU A 178 15.91 -10.34 2.81
CA LEU A 178 16.29 -9.55 1.62
C LEU A 178 15.30 -8.42 1.34
N TYR A 179 14.00 -8.73 1.35
CA TYR A 179 13.00 -7.68 1.23
C TYR A 179 13.19 -6.58 2.23
N HIS A 180 13.51 -6.92 3.48
CA HIS A 180 13.65 -5.89 4.53
C HIS A 180 14.90 -5.04 4.26
N ASP A 181 15.93 -5.59 3.62
CA ASP A 181 17.10 -4.77 3.24
C ASP A 181 16.83 -3.77 2.07
N ILE A 182 15.92 -4.12 1.17
CA ILE A 182 15.50 -3.20 0.10
C ILE A 182 14.69 -2.10 0.77
N ASP A 183 13.64 -2.50 1.49
CA ASP A 183 12.83 -1.54 2.27
C ASP A 183 13.70 -0.67 3.16
N ASP A 184 14.76 -1.25 3.74
CA ASP A 184 15.74 -0.57 4.61
C ASP A 184 16.39 0.60 3.90
N GLY A 185 16.86 0.39 2.65
CA GLY A 185 17.60 1.42 1.94
C GLY A 185 16.86 2.37 1.03
N ILE A 186 15.55 2.56 1.21
CA ILE A 186 14.89 3.69 0.49
C ILE A 186 14.25 4.55 1.52
N SER A 187 14.64 5.80 1.61
CA SER A 187 14.00 6.70 2.56
C SER A 187 13.30 7.79 1.76
N PRO A 188 12.42 8.55 2.44
CA PRO A 188 11.86 9.74 1.80
C PRO A 188 12.90 10.70 1.19
N LEU A 189 14.11 10.80 1.77
CA LEU A 189 15.15 11.72 1.23
C LEU A 189 15.59 11.38 -0.21
N SER A 190 15.50 10.09 -0.57
CA SER A 190 15.71 9.62 -1.96
C SER A 190 14.94 10.43 -2.98
N PHE A 191 13.74 10.90 -2.60
CA PHE A 191 12.87 11.71 -3.48
C PHE A 191 13.54 13.05 -3.82
N PHE A 192 14.25 13.58 -2.84
CA PHE A 192 15.00 14.84 -2.99
C PHE A 192 16.39 14.61 -3.57
N TYR A 193 17.04 13.49 -3.22
CA TYR A 193 18.38 13.15 -3.71
C TYR A 193 18.40 11.73 -4.25
N PRO A 194 18.03 11.53 -5.53
CA PRO A 194 17.88 10.14 -6.03
C PRO A 194 19.16 9.33 -6.15
N SER A 195 20.34 9.97 -6.13
CA SER A 195 21.58 9.19 -6.19
C SER A 195 22.25 8.90 -4.84
N LEU A 196 21.72 9.35 -3.71
CA LEU A 196 22.23 8.90 -2.41
C LEU A 196 22.60 7.40 -2.46
N PRO A 197 23.91 7.05 -2.33
CA PRO A 197 24.26 5.65 -2.52
C PRO A 197 23.64 4.82 -1.40
N ALA A 198 23.40 3.53 -1.64
CA ALA A 198 22.74 2.65 -0.63
C ALA A 198 23.19 1.23 -0.94
N PRO A 199 24.39 0.86 -0.51
CA PRO A 199 25.02 -0.35 -1.07
C PRO A 199 24.43 -1.66 -0.52
N LYS A 200 23.95 -1.64 0.70
CA LYS A 200 23.27 -2.83 1.25
C LYS A 200 21.95 -3.09 0.49
N ARG A 201 21.17 -2.02 0.23
CA ARG A 201 19.97 -2.12 -0.62
C ARG A 201 20.27 -2.72 -1.96
N ASP A 202 21.30 -2.18 -2.62
CA ASP A 202 21.69 -2.71 -3.93
C ASP A 202 22.13 -4.16 -3.85
N LYS A 203 22.80 -4.53 -2.76
CA LYS A 203 23.23 -5.92 -2.60
C LYS A 203 22.00 -6.83 -2.48
N ALA A 204 21.08 -6.46 -1.61
CA ALA A 204 19.84 -7.20 -1.46
C ALA A 204 18.98 -7.25 -2.80
N ARG A 205 18.86 -6.12 -3.49
CA ARG A 205 18.09 -6.11 -4.75
C ARG A 205 18.69 -7.07 -5.76
N LYS A 206 20.01 -7.11 -5.82
CA LYS A 206 20.68 -8.06 -6.74
C LYS A 206 20.33 -9.47 -6.32
N ALA A 207 20.42 -9.76 -5.01
CA ALA A 207 20.11 -11.13 -4.50
C ALA A 207 18.69 -11.56 -4.84
N VAL A 208 17.71 -10.68 -4.60
CA VAL A 208 16.31 -11.01 -4.89
C VAL A 208 16.19 -11.22 -6.40
N GLY A 209 16.86 -10.36 -7.17
CA GLY A 209 16.95 -10.48 -8.61
C GLY A 209 17.34 -11.87 -9.07
N GLU A 210 18.39 -12.41 -8.46
CA GLU A 210 18.90 -13.76 -8.85
C GLU A 210 17.91 -14.86 -8.47
N ILE A 211 17.31 -14.73 -7.28
CA ILE A 211 16.24 -15.64 -6.86
C ILE A 211 15.04 -15.62 -7.82
N PHE A 212 14.62 -14.43 -8.26
CA PHE A 212 13.49 -14.34 -9.18
C PHE A 212 13.83 -14.82 -10.59
N GLN A 213 15.06 -14.59 -11.01
CA GLN A 213 15.59 -15.19 -12.25
C GLN A 213 15.42 -16.72 -12.17
N GLU A 214 15.94 -17.29 -11.09
CA GLU A 214 15.83 -18.74 -10.89
C GLU A 214 14.37 -19.21 -10.96
N LEU A 215 13.48 -18.49 -10.28
CA LEU A 215 12.05 -18.81 -10.29
C LEU A 215 11.42 -18.77 -11.71
N LEU A 216 11.78 -17.78 -12.50
CA LEU A 216 11.41 -17.75 -13.93
C LEU A 216 11.94 -18.94 -14.74
N ASP A 217 13.21 -19.32 -14.55
CA ASP A 217 13.77 -20.44 -15.31
C ASP A 217 13.00 -21.72 -14.95
N LYS A 218 12.91 -21.99 -13.64
CA LYS A 218 12.13 -23.11 -13.09
C LYS A 218 10.74 -23.17 -13.70
N ARG A 219 10.05 -22.04 -13.75
CA ARG A 219 8.69 -22.00 -14.28
C ARG A 219 8.60 -22.37 -15.76
N ARG A 220 9.64 -22.00 -16.52
CA ARG A 220 9.73 -22.30 -17.95
C ARG A 220 9.72 -23.80 -18.19
N GLU A 221 10.60 -24.52 -17.48
CA GLU A 221 10.59 -26.02 -17.45
C GLU A 221 9.20 -26.56 -17.19
N GLU A 222 8.59 -26.10 -16.10
CA GLU A 222 7.23 -26.55 -15.71
C GLU A 222 6.10 -26.23 -16.70
N HIS A 223 6.23 -25.12 -17.44
CA HIS A 223 5.36 -24.87 -18.59
C HIS A 223 5.60 -25.83 -19.79
N LYS A 224 6.80 -26.42 -19.89
CA LYS A 224 7.07 -27.45 -20.89
C LYS A 224 6.42 -28.76 -20.46
N LYS A 225 6.87 -29.29 -19.34
CA LYS A 225 6.42 -30.58 -18.85
C LYS A 225 4.90 -30.59 -18.49
N HIS A 226 4.32 -29.44 -18.12
CA HIS A 226 2.88 -29.35 -17.74
C HIS A 226 2.13 -28.15 -18.35
N PRO A 227 1.89 -28.18 -19.69
CA PRO A 227 1.28 -27.05 -20.42
C PRO A 227 -0.19 -26.74 -20.05
N GLU A 228 -0.93 -27.71 -19.53
CA GLU A 228 -2.32 -27.49 -19.06
C GLU A 228 -2.53 -26.34 -18.04
N ARG A 229 -1.55 -26.13 -17.14
CA ARG A 229 -1.57 -24.97 -16.21
C ARG A 229 -2.03 -23.68 -16.91
N LEU A 230 -1.52 -23.46 -18.13
CA LEU A 230 -1.91 -22.33 -19.01
C LEU A 230 -3.42 -22.14 -19.20
N LEU A 231 -4.17 -23.22 -19.19
CA LEU A 231 -5.60 -23.18 -19.41
C LEU A 231 -6.36 -22.78 -18.11
N ASP A 232 -5.80 -23.19 -16.96
CA ASP A 232 -6.43 -23.09 -15.61
C ASP A 232 -6.26 -21.72 -14.85
N GLU A 233 -7.34 -20.96 -14.77
CA GLU A 233 -7.29 -19.54 -14.39
C GLU A 233 -7.06 -19.39 -12.91
N SER A 234 -7.39 -20.44 -12.16
CA SER A 234 -7.19 -20.46 -10.73
C SER A 234 -5.74 -20.80 -10.38
N LYS A 235 -4.97 -21.36 -11.29
CA LYS A 235 -3.53 -21.62 -11.05
C LYS A 235 -2.61 -20.59 -11.72
N MET A 236 -3.17 -19.68 -12.54
CA MET A 236 -2.35 -18.70 -13.27
C MET A 236 -1.95 -17.48 -12.38
N ASP A 237 -0.73 -17.46 -11.92
CA ASP A 237 -0.20 -16.33 -11.13
C ASP A 237 0.46 -15.24 -12.00
N VAL A 238 1.01 -14.18 -11.36
CA VAL A 238 1.62 -13.09 -12.13
C VAL A 238 2.88 -13.58 -12.89
N VAL A 239 3.60 -14.54 -12.31
CA VAL A 239 4.78 -15.09 -12.99
C VAL A 239 4.39 -15.72 -14.30
N ASP A 240 3.24 -16.40 -14.29
CA ASP A 240 2.76 -17.09 -15.49
C ASP A 240 2.38 -16.13 -16.58
N HIS A 241 1.68 -15.05 -16.23
CA HIS A 241 1.25 -14.08 -17.24
C HIS A 241 2.44 -13.40 -17.90
N LEU A 242 3.39 -13.01 -17.07
CA LEU A 242 4.60 -12.38 -17.51
C LEU A 242 5.44 -13.23 -18.52
N LEU A 243 5.44 -14.54 -18.33
CA LEU A 243 6.07 -15.51 -19.23
C LEU A 243 5.28 -15.79 -20.55
N THR A 244 4.00 -15.49 -20.58
CA THR A 244 3.11 -15.84 -21.71
C THR A 244 2.45 -14.68 -22.44
N GLN A 245 2.58 -13.46 -21.93
CA GLN A 245 2.02 -12.28 -22.58
C GLN A 245 3.19 -11.45 -23.13
N LYS A 246 2.88 -10.63 -24.13
CA LYS A 246 3.83 -9.77 -24.84
C LYS A 246 3.31 -8.37 -24.67
N TYR A 247 4.09 -7.33 -24.97
CA TYR A 247 3.45 -6.00 -25.05
C TYR A 247 2.51 -6.01 -26.23
N LYS A 248 1.58 -5.07 -26.25
CA LYS A 248 0.49 -4.94 -27.20
C LYS A 248 0.97 -4.82 -28.64
N ASP A 249 2.07 -4.10 -28.85
CA ASP A 249 2.65 -3.94 -30.17
C ASP A 249 3.49 -5.13 -30.59
N GLY A 250 3.57 -6.17 -29.77
CA GLY A 250 4.22 -7.46 -30.13
C GLY A 250 5.64 -7.60 -29.61
N GLN A 251 6.25 -6.53 -29.10
CA GLN A 251 7.60 -6.62 -28.52
C GLN A 251 7.51 -7.54 -27.30
N GLU A 252 8.42 -8.51 -27.21
CA GLU A 252 8.47 -9.42 -26.06
C GLU A 252 9.14 -8.75 -24.85
N LEU A 253 8.86 -9.25 -23.65
CA LEU A 253 9.47 -8.76 -22.45
C LEU A 253 10.81 -9.37 -22.28
N THR A 254 11.70 -8.62 -21.66
CA THR A 254 12.96 -9.17 -21.16
C THR A 254 12.74 -9.68 -19.72
N ASP A 255 13.57 -10.61 -19.31
CA ASP A 255 13.56 -11.17 -17.97
C ASP A 255 13.88 -10.08 -16.92
N VAL A 256 14.76 -9.14 -17.26
CA VAL A 256 15.01 -7.98 -16.44
C VAL A 256 13.73 -7.24 -16.13
N HIS A 257 12.91 -6.98 -17.14
CA HIS A 257 11.66 -6.30 -16.91
C HIS A 257 10.70 -7.21 -16.08
N ARG A 258 10.59 -8.48 -16.40
CA ARG A 258 9.73 -9.42 -15.66
C ARG A 258 10.08 -9.36 -14.18
N ILE A 259 11.37 -9.46 -13.91
CA ILE A 259 11.92 -9.45 -12.56
C ILE A 259 11.53 -8.16 -11.84
N GLY A 260 11.83 -7.02 -12.44
CA GLY A 260 11.45 -5.73 -11.92
C GLY A 260 9.96 -5.56 -11.65
N ILE A 261 9.13 -6.10 -12.52
CA ILE A 261 7.71 -5.96 -12.39
C ILE A 261 7.23 -6.83 -11.15
N LEU A 262 7.85 -7.97 -10.91
CA LEU A 262 7.59 -8.80 -9.74
C LEU A 262 8.00 -8.18 -8.47
N ILE A 263 9.15 -7.51 -8.49
CA ILE A 263 9.63 -6.81 -7.34
C ILE A 263 8.72 -5.68 -7.00
N ALA A 264 8.26 -4.94 -8.01
CA ALA A 264 7.40 -3.79 -7.79
C ALA A 264 6.02 -4.22 -7.23
N GLY A 265 5.48 -5.27 -7.80
CA GLY A 265 4.18 -5.82 -7.43
C GLY A 265 4.22 -6.29 -5.99
N LEU A 266 5.26 -7.01 -5.60
CA LEU A 266 5.47 -7.36 -4.25
C LEU A 266 5.66 -6.26 -3.27
N PHE A 267 6.36 -5.21 -3.69
CA PHE A 267 6.52 -4.01 -2.90
C PHE A 267 5.18 -3.39 -2.61
N ALA A 268 4.32 -3.21 -3.65
CA ALA A 268 2.95 -2.77 -3.45
C ALA A 268 2.12 -3.78 -2.61
N GLY A 269 2.36 -5.07 -2.79
CA GLY A 269 1.57 -6.15 -2.17
C GLY A 269 1.61 -6.35 -0.65
N GLN A 270 2.62 -5.72 -0.04
CA GLN A 270 3.12 -5.98 1.28
C GLN A 270 2.99 -4.85 2.30
N HIS A 271 3.74 -3.79 2.09
N HIS A 271 3.79 -3.80 2.15
CA HIS A 271 3.98 -2.84 3.16
CA HIS A 271 4.02 -2.87 3.26
C HIS A 271 2.68 -2.11 3.56
C HIS A 271 2.70 -2.08 3.58
N THR A 272 1.97 -1.63 2.56
CA THR A 272 0.75 -0.87 2.73
C THR A 272 -0.36 -1.72 3.40
N SER A 273 -0.45 -3.00 3.04
CA SER A 273 -1.38 -3.92 3.62
C SER A 273 -1.01 -4.38 5.05
N SER A 274 0.27 -4.66 5.34
CA SER A 274 0.72 -5.03 6.67
C SER A 274 0.48 -3.89 7.70
N ILE A 275 0.72 -2.64 7.29
CA ILE A 275 0.43 -1.49 8.06
C ILE A 275 -1.06 -1.25 8.29
N THR A 276 -1.86 -1.36 7.25
CA THR A 276 -3.29 -1.26 7.40
C THR A 276 -3.89 -2.32 8.29
N SER A 277 -3.43 -3.57 8.19
CA SER A 277 -3.84 -4.59 9.04
C SER A 277 -3.52 -4.34 10.50
N SER A 278 -2.35 -3.75 10.77
CA SER A 278 -1.88 -3.43 12.12
C SER A 278 -2.82 -2.40 12.72
N TRP A 279 -3.06 -1.32 12.00
CA TRP A 279 -3.93 -0.28 12.49
C TRP A 279 -5.37 -0.72 12.68
N THR A 280 -5.89 -1.48 11.72
CA THR A 280 -7.19 -2.06 11.86
C THR A 280 -7.32 -2.98 13.07
N LEU A 281 -6.50 -4.03 13.19
CA LEU A 281 -6.56 -4.91 14.29
C LEU A 281 -6.49 -4.18 15.64
N MET A 282 -5.52 -3.25 15.74
CA MET A 282 -5.31 -2.55 16.98
C MET A 282 -6.57 -1.78 17.41
N ASN A 283 -7.23 -1.11 16.50
CA ASN A 283 -8.37 -0.31 16.86
C ASN A 283 -9.61 -1.17 17.10
N VAL A 284 -9.68 -2.31 16.44
CA VAL A 284 -10.74 -3.26 16.64
C VAL A 284 -10.72 -3.83 18.03
N ILE A 285 -9.57 -4.34 18.44
CA ILE A 285 -9.47 -5.00 19.68
C ILE A 285 -9.44 -4.06 20.92
N SER A 286 -9.23 -2.77 20.72
CA SER A 286 -9.15 -1.76 21.79
C SER A 286 -10.49 -1.05 22.00
N ASN A 287 -11.42 -1.21 21.09
CA ASN A 287 -12.75 -0.64 21.20
C ASN A 287 -13.76 -1.76 21.39
N LYS A 288 -14.31 -1.85 22.60
CA LYS A 288 -15.18 -2.97 22.97
C LYS A 288 -16.38 -3.16 22.08
N LYS A 289 -17.07 -2.05 21.79
CA LYS A 289 -18.23 -2.00 20.94
C LYS A 289 -17.90 -2.46 19.53
N VAL A 290 -16.76 -1.95 19.03
CA VAL A 290 -16.34 -2.30 17.68
C VAL A 290 -16.07 -3.75 17.61
N LEU A 291 -15.29 -4.24 18.59
CA LEU A 291 -14.98 -5.67 18.60
C LEU A 291 -16.22 -6.61 18.66
N GLU A 292 -17.23 -6.18 19.42
CA GLU A 292 -18.50 -6.93 19.52
C GLU A 292 -19.17 -7.02 18.17
N LYS A 293 -19.35 -5.90 17.50
CA LYS A 293 -19.94 -5.94 16.16
C LYS A 293 -19.12 -6.82 15.18
N VAL A 294 -17.80 -6.75 15.27
CA VAL A 294 -16.97 -7.51 14.34
C VAL A 294 -17.20 -8.97 14.61
N ARG A 295 -17.13 -9.37 15.88
CA ARG A 295 -17.30 -10.81 16.21
C ARG A 295 -18.70 -11.34 15.93
N LYS A 296 -19.68 -10.46 16.00
CA LYS A 296 -21.08 -10.87 15.72
C LYS A 296 -21.27 -11.09 14.22
N GLU A 297 -20.68 -10.23 13.39
CA GLU A 297 -20.62 -10.52 11.95
C GLU A 297 -19.88 -11.82 11.61
N GLN A 298 -18.73 -12.04 12.26
CA GLN A 298 -17.93 -13.22 11.92
C GLN A 298 -18.79 -14.44 12.19
N GLU A 299 -19.37 -14.52 13.38
CA GLU A 299 -20.14 -15.70 13.84
C GLU A 299 -21.36 -15.92 12.91
N GLU A 300 -22.01 -14.87 12.50
CA GLU A 300 -23.10 -15.01 11.54
C GLU A 300 -22.66 -15.53 10.19
N ILE A 301 -21.55 -14.96 9.67
CA ILE A 301 -21.07 -15.36 8.35
C ILE A 301 -20.49 -16.76 8.40
N MET A 302 -19.75 -17.12 9.46
CA MET A 302 -19.14 -18.44 9.50
C MET A 302 -20.15 -19.58 9.70
N GLY A 303 -21.17 -19.34 10.53
CA GLY A 303 -22.11 -20.42 10.91
C GLY A 303 -21.37 -21.65 11.43
N SER A 304 -21.67 -22.77 10.81
CA SER A 304 -21.06 -24.07 11.20
C SER A 304 -19.79 -24.44 10.44
N ASP A 305 -19.32 -23.56 9.55
CA ASP A 305 -18.08 -23.85 8.84
C ASP A 305 -16.95 -23.54 9.74
N LYS A 306 -15.82 -24.18 9.53
CA LYS A 306 -14.63 -23.87 10.35
C LYS A 306 -13.44 -23.16 9.60
N VAL A 307 -13.58 -22.88 8.29
CA VAL A 307 -12.55 -22.14 7.50
C VAL A 307 -13.20 -21.11 6.61
N LEU A 308 -12.40 -20.12 6.25
CA LEU A 308 -12.89 -19.07 5.42
C LEU A 308 -13.05 -19.56 3.99
N ASP A 309 -13.82 -18.85 3.22
CA ASP A 309 -13.70 -18.89 1.74
C ASP A 309 -14.06 -17.55 1.23
N TYR A 310 -13.88 -17.37 -0.08
CA TYR A 310 -14.09 -16.08 -0.64
C TYR A 310 -15.44 -15.43 -0.44
N ASP A 311 -16.52 -16.18 -0.60
CA ASP A 311 -17.84 -15.57 -0.50
C ASP A 311 -18.05 -15.14 0.94
N LYS A 312 -17.54 -15.89 1.88
CA LYS A 312 -17.65 -15.38 3.27
C LYS A 312 -16.97 -14.07 3.43
N VAL A 313 -15.76 -13.90 2.87
CA VAL A 313 -15.03 -12.60 3.06
C VAL A 313 -15.75 -11.42 2.44
N MET A 314 -16.34 -11.68 1.26
CA MET A 314 -17.20 -10.68 0.60
C MET A 314 -18.42 -10.24 1.39
N LYS A 315 -18.83 -10.96 2.42
CA LYS A 315 -19.96 -10.48 3.26
C LYS A 315 -19.52 -9.75 4.51
N MET A 316 -18.20 -9.54 4.69
CA MET A 316 -17.71 -8.91 5.89
C MET A 316 -17.73 -7.44 5.81
N ASP A 317 -18.92 -6.83 5.77
CA ASP A 317 -19.06 -5.38 5.56
C ASP A 317 -18.61 -4.45 6.71
N TYR A 318 -18.90 -4.86 7.92
CA TYR A 318 -18.51 -4.09 9.04
C TYR A 318 -16.94 -4.13 9.18
N LEU A 319 -16.35 -5.31 9.10
CA LEU A 319 -14.93 -5.42 9.13
C LEU A 319 -14.30 -4.60 8.01
N GLU A 320 -14.93 -4.60 6.82
CA GLU A 320 -14.48 -3.72 5.77
C GLU A 320 -14.53 -2.26 6.13
N ALA A 321 -15.65 -1.82 6.68
CA ALA A 321 -15.72 -0.46 7.21
C ALA A 321 -14.64 -0.10 8.25
N CYS A 322 -14.27 -1.05 9.11
CA CYS A 322 -13.18 -0.83 10.07
C CYS A 322 -11.84 -0.56 9.35
N MET A 323 -11.57 -1.33 8.30
CA MET A 323 -10.37 -1.18 7.52
C MET A 323 -10.35 0.15 6.88
N LYS A 324 -11.46 0.53 6.24
CA LYS A 324 -11.62 1.85 5.65
C LYS A 324 -11.41 3.01 6.63
N GLU A 325 -11.89 2.79 7.85
CA GLU A 325 -11.75 3.79 8.87
C GLU A 325 -10.28 3.89 9.30
N ALA A 326 -9.52 2.81 9.32
CA ALA A 326 -8.11 2.89 9.61
C ALA A 326 -7.35 3.59 8.48
N LEU A 327 -7.83 3.41 7.26
CA LEU A 327 -7.25 4.08 6.10
C LEU A 327 -7.55 5.57 6.04
N ARG A 328 -8.71 5.99 6.55
CA ARG A 328 -8.98 7.44 6.73
C ARG A 328 -7.98 8.11 7.71
N MET A 329 -7.80 7.46 8.84
CA MET A 329 -7.07 7.97 9.93
C MET A 329 -5.57 7.81 9.72
N TYR A 330 -5.15 6.68 9.16
CA TYR A 330 -3.73 6.34 9.08
C TYR A 330 -3.30 5.78 7.70
N PRO A 331 -3.59 6.50 6.69
CA PRO A 331 -3.23 6.00 5.35
C PRO A 331 -1.72 5.82 5.23
N PRO A 332 -1.29 4.69 4.68
CA PRO A 332 0.15 4.42 4.69
C PRO A 332 0.91 5.22 3.65
N LEU A 333 0.24 5.72 2.63
CA LEU A 333 0.83 6.57 1.61
C LEU A 333 0.23 7.92 1.90
N ILE A 334 1.03 8.75 2.57
CA ILE A 334 0.52 9.97 3.18
C ILE A 334 0.38 11.13 2.22
N MET A 335 1.11 11.03 1.12
CA MET A 335 1.21 12.02 0.08
C MET A 335 1.24 11.36 -1.29
N ILE A 336 0.50 11.97 -2.24
CA ILE A 336 0.42 11.62 -3.65
C ILE A 336 0.96 12.80 -4.45
N MET A 337 1.84 12.56 -5.41
CA MET A 337 2.44 13.66 -6.13
C MET A 337 2.40 13.54 -7.61
N ARG A 338 2.54 14.71 -8.27
CA ARG A 338 2.69 14.83 -9.70
C ARG A 338 3.59 16.02 -10.05
N MET A 339 4.38 15.92 -11.10
CA MET A 339 5.03 17.12 -11.67
C MET A 339 4.28 17.79 -12.80
N ALA A 340 4.09 19.11 -12.68
CA ALA A 340 3.51 19.90 -13.76
C ALA A 340 4.48 20.02 -14.93
N ARG A 341 4.03 19.48 -16.05
CA ARG A 341 4.74 19.54 -17.33
C ARG A 341 4.28 20.72 -18.19
N LYS A 342 3.08 21.21 -17.91
CA LYS A 342 2.59 22.51 -18.38
C LYS A 342 2.07 23.24 -17.15
N PRO A 343 1.98 24.59 -17.22
CA PRO A 343 1.33 25.25 -16.10
C PRO A 343 -0.04 24.72 -15.93
N ARG A 344 -0.57 24.82 -14.72
CA ARG A 344 -1.86 24.28 -14.39
C ARG A 344 -2.71 25.35 -13.74
N GLU A 345 -3.99 25.44 -14.11
CA GLU A 345 -4.98 26.26 -13.41
C GLU A 345 -5.49 25.58 -12.13
N CYS A 346 -5.38 26.26 -11.00
CA CYS A 346 -5.99 25.74 -9.81
C CYS A 346 -6.65 26.89 -9.07
N GLU A 347 -7.96 26.74 -8.81
CA GLU A 347 -8.79 27.79 -8.23
C GLU A 347 -8.57 29.12 -9.06
N GLN A 348 -8.49 30.27 -8.40
CA GLN A 348 -7.99 31.50 -9.01
C GLN A 348 -6.54 31.49 -9.51
N TYR A 349 -5.71 30.54 -9.10
CA TYR A 349 -4.27 30.60 -9.39
C TYR A 349 -3.82 29.85 -10.66
N ILE A 350 -2.55 30.00 -11.02
CA ILE A 350 -1.88 29.10 -11.96
C ILE A 350 -0.60 28.56 -11.33
N ILE A 351 -0.50 27.23 -11.33
CA ILE A 351 0.70 26.56 -10.84
C ILE A 351 1.59 26.37 -12.04
N PRO A 352 2.86 26.74 -11.92
CA PRO A 352 3.79 26.72 -13.05
C PRO A 352 4.55 25.41 -13.35
N LYS A 353 5.01 25.30 -14.59
CA LYS A 353 5.78 24.14 -15.02
C LYS A 353 6.95 23.95 -14.09
N GLY A 354 7.19 22.69 -13.72
CA GLY A 354 8.27 22.35 -12.81
C GLY A 354 7.84 22.18 -11.37
N ASN A 355 6.73 22.77 -10.92
CA ASN A 355 6.24 22.56 -9.54
C ASN A 355 5.68 21.13 -9.36
N ILE A 356 5.75 20.64 -8.15
CA ILE A 356 5.23 19.32 -7.83
C ILE A 356 3.94 19.53 -7.14
N LEU A 357 2.87 18.95 -7.65
CA LEU A 357 1.61 19.02 -6.96
C LEU A 357 1.50 17.91 -5.96
N VAL A 358 0.91 18.17 -4.82
CA VAL A 358 0.93 17.25 -3.72
C VAL A 358 -0.48 17.21 -3.18
N VAL A 359 -1.04 16.02 -3.02
CA VAL A 359 -2.33 15.83 -2.34
C VAL A 359 -2.02 14.85 -1.23
N SER A 360 -2.61 15.03 -0.03
CA SER A 360 -2.36 14.15 1.09
C SER A 360 -3.62 13.42 1.59
N PRO A 361 -3.68 12.08 1.50
CA PRO A 361 -4.82 11.37 2.12
C PRO A 361 -4.87 11.49 3.64
N SER A 362 -3.75 11.78 4.25
CA SER A 362 -3.72 12.02 5.67
C SER A 362 -4.47 13.30 6.04
N VAL A 363 -4.26 14.35 5.25
CA VAL A 363 -4.90 15.66 5.46
C VAL A 363 -6.37 15.58 5.14
N ALA A 364 -6.74 15.03 4.00
CA ALA A 364 -8.14 14.78 3.68
C ALA A 364 -8.88 14.01 4.77
N GLY A 365 -8.25 12.98 5.30
CA GLY A 365 -8.86 12.16 6.33
C GLY A 365 -9.26 12.86 7.61
N ARG A 366 -8.57 13.97 7.93
CA ARG A 366 -8.80 14.73 9.15
C ARG A 366 -9.57 16.07 8.92
N CYS A 367 -10.00 16.32 7.68
CA CYS A 367 -10.69 17.56 7.26
C CYS A 367 -11.97 17.64 8.10
N THR A 368 -12.19 18.75 8.79
CA THR A 368 -13.39 18.89 9.66
C THR A 368 -14.64 19.16 8.82
N ASP A 369 -14.46 19.69 7.61
CA ASP A 369 -15.52 19.71 6.60
C ASP A 369 -16.15 18.35 6.47
N THR A 370 -15.32 17.39 6.05
CA THR A 370 -15.78 16.06 5.67
C THR A 370 -16.18 15.20 6.86
N TYR A 371 -15.50 15.34 8.00
CA TYR A 371 -15.64 14.36 9.09
C TYR A 371 -15.76 15.02 10.42
N THR A 372 -16.66 14.49 11.24
CA THR A 372 -16.87 14.97 12.58
C THR A 372 -16.18 14.08 13.61
N ASN A 373 -15.55 14.74 14.58
CA ASN A 373 -14.62 14.10 15.51
C ASN A 373 -13.55 13.21 14.84
N PRO A 374 -12.84 13.75 13.84
CA PRO A 374 -11.95 12.90 13.02
C PRO A 374 -10.83 12.14 13.76
N ASP A 375 -10.52 12.50 15.01
CA ASP A 375 -9.55 11.73 15.80
C ASP A 375 -10.13 10.52 16.47
N VAL A 376 -11.40 10.24 16.21
CA VAL A 376 -12.06 9.07 16.75
C VAL A 376 -12.26 7.99 15.72
N PHE A 377 -11.83 6.77 16.04
CA PHE A 377 -12.06 5.67 15.19
C PHE A 377 -13.53 5.22 15.32
N ASP A 378 -14.34 5.56 14.34
CA ASP A 378 -15.76 5.26 14.35
C ASP A 378 -16.17 4.66 13.01
N PRO A 379 -16.16 3.33 12.89
CA PRO A 379 -16.54 2.85 11.54
C PRO A 379 -17.98 3.17 11.08
N GLU A 380 -18.85 3.54 12.04
CA GLU A 380 -20.26 3.89 11.77
C GLU A 380 -20.38 5.26 11.12
N ARG A 381 -19.35 6.08 11.21
CA ARG A 381 -19.31 7.32 10.42
C ARG A 381 -19.42 7.08 8.91
N LEU A 382 -18.97 5.89 8.49
CA LEU A 382 -19.00 5.43 7.12
C LEU A 382 -20.26 4.58 6.91
N THR A 383 -20.45 3.60 7.80
CA THR A 383 -21.52 2.57 7.72
C THR A 383 -22.98 3.16 7.87
N GLU A 384 -23.11 4.39 8.40
CA GLU A 384 -24.42 5.03 8.70
C GLU A 384 -24.47 6.52 8.32
N ARG A 385 -23.56 7.33 8.87
CA ARG A 385 -23.48 8.77 8.55
C ARG A 385 -22.88 9.02 7.16
N LYS A 386 -22.37 7.97 6.50
CA LYS A 386 -21.92 8.03 5.10
C LYS A 386 -20.96 9.18 4.84
N GLU A 387 -20.19 9.58 5.87
CA GLU A 387 -19.47 10.89 5.85
C GLU A 387 -18.53 11.05 4.62
N HIS A 388 -17.97 9.92 4.17
CA HIS A 388 -17.10 9.85 3.00
C HIS A 388 -17.67 10.42 1.69
N GLU A 389 -18.99 10.33 1.51
CA GLU A 389 -19.64 10.69 0.22
C GLU A 389 -20.07 12.17 0.08
N LYS A 390 -19.87 12.98 1.13
CA LYS A 390 -20.01 14.45 1.02
C LYS A 390 -19.43 14.97 -0.31
N PHE A 391 -18.09 14.92 -0.41
CA PHE A 391 -17.38 15.37 -1.61
C PHE A 391 -16.97 14.14 -2.40
N LYS A 392 -16.78 14.33 -3.69
CA LYS A 392 -16.35 13.26 -4.56
C LYS A 392 -14.94 12.73 -4.14
N TYR A 393 -14.03 13.63 -3.76
CA TYR A 393 -12.68 13.25 -3.35
C TYR A 393 -12.43 13.39 -1.83
N GLY A 394 -13.45 13.14 -1.01
CA GLY A 394 -13.30 13.20 0.45
C GLY A 394 -12.44 12.10 1.07
N ALA A 395 -12.42 10.94 0.42
CA ALA A 395 -11.68 9.75 0.88
C ALA A 395 -10.79 9.34 -0.28
N VAL A 396 -9.48 9.45 -0.17
CA VAL A 396 -8.62 9.01 -1.28
C VAL A 396 -7.44 8.17 -0.83
N PRO A 397 -7.63 7.22 0.10
CA PRO A 397 -6.43 6.45 0.50
C PRO A 397 -5.91 5.47 -0.59
N PHE A 398 -6.76 5.09 -1.57
CA PHE A 398 -6.35 4.36 -2.77
C PHE A 398 -6.21 5.23 -4.01
N GLY A 399 -6.23 6.54 -3.83
CA GLY A 399 -6.14 7.45 -4.94
C GLY A 399 -7.49 7.56 -5.67
N ALA A 400 -7.45 8.11 -6.89
CA ALA A 400 -8.62 8.33 -7.69
C ALA A 400 -8.20 8.56 -9.12
N GLY A 401 -9.19 8.42 -10.00
CA GLY A 401 -8.91 8.60 -11.42
C GLY A 401 -7.99 7.63 -12.09
N ARG A 402 -7.27 8.12 -13.07
CA ARG A 402 -6.53 7.26 -14.01
C ARG A 402 -5.51 6.33 -13.31
N HIS A 403 -4.97 6.78 -12.17
CA HIS A 403 -3.93 6.03 -11.50
C HIS A 403 -4.42 5.47 -10.16
N LYS A 404 -5.73 5.30 -10.00
CA LYS A 404 -6.29 4.66 -8.80
C LYS A 404 -5.63 3.31 -8.57
N CYS A 405 -5.49 2.91 -7.31
CA CYS A 405 -4.87 1.64 -6.94
C CYS A 405 -5.56 0.49 -7.67
N ILE A 406 -4.83 -0.36 -8.34
CA ILE A 406 -5.41 -1.57 -8.90
C ILE A 406 -5.33 -2.72 -7.91
N GLY A 407 -4.59 -2.55 -6.81
CA GLY A 407 -4.51 -3.55 -5.73
C GLY A 407 -5.64 -3.46 -4.71
N GLU A 408 -6.59 -2.55 -4.87
CA GLU A 408 -7.51 -2.29 -3.82
C GLU A 408 -8.32 -3.52 -3.33
N ASN A 409 -8.92 -4.26 -4.27
CA ASN A 409 -9.71 -5.39 -3.91
C ASN A 409 -8.88 -6.45 -3.28
N PHE A 410 -7.69 -6.65 -3.81
CA PHE A 410 -6.75 -7.64 -3.22
C PHE A 410 -6.38 -7.26 -1.75
N ALA A 411 -6.06 -5.99 -1.50
CA ALA A 411 -5.73 -5.51 -0.16
C ALA A 411 -6.88 -5.73 0.82
N LEU A 412 -8.10 -5.43 0.36
CA LEU A 412 -9.28 -5.59 1.14
C LEU A 412 -9.43 -7.04 1.49
N LEU A 413 -9.28 -7.88 0.48
CA LEU A 413 -9.37 -9.31 0.68
C LEU A 413 -8.32 -9.80 1.66
N GLN A 414 -7.09 -9.35 1.47
CA GLN A 414 -6.00 -9.85 2.29
C GLN A 414 -6.12 -9.44 3.78
N VAL A 415 -6.46 -8.18 4.08
CA VAL A 415 -6.49 -7.66 5.42
C VAL A 415 -7.76 -8.23 6.15
N LYS A 416 -8.90 -8.30 5.47
CA LYS A 416 -10.13 -8.88 6.06
C LYS A 416 -9.90 -10.28 6.40
N SER A 417 -9.27 -11.01 5.49
CA SER A 417 -9.05 -12.42 5.73
C SER A 417 -8.13 -12.69 6.92
N ILE A 418 -7.04 -11.96 6.94
CA ILE A 418 -6.05 -12.12 8.01
C ILE A 418 -6.68 -11.82 9.36
N ILE A 419 -7.37 -10.71 9.46
CA ILE A 419 -7.93 -10.30 10.73
C ILE A 419 -9.06 -11.23 11.16
N SER A 420 -9.88 -11.68 10.18
CA SER A 420 -10.89 -12.70 10.45
C SER A 420 -10.31 -14.00 10.92
N ILE A 421 -9.26 -14.44 10.27
CA ILE A 421 -8.67 -15.69 10.72
C ILE A 421 -8.06 -15.51 12.10
N LEU A 422 -7.32 -14.42 12.32
CA LEU A 422 -6.65 -14.27 13.61
C LEU A 422 -7.72 -14.24 14.75
N LEU A 423 -8.80 -13.50 14.56
CA LEU A 423 -9.93 -13.49 15.50
C LEU A 423 -10.60 -14.83 15.76
N ARG A 424 -10.65 -15.68 14.74
CA ARG A 424 -11.11 -17.03 14.91
C ARG A 424 -10.21 -17.82 15.88
N TYR A 425 -8.89 -17.65 15.76
CA TYR A 425 -7.98 -18.43 16.58
C TYR A 425 -7.85 -17.87 17.99
N PHE A 426 -7.88 -16.55 18.14
CA PHE A 426 -7.34 -15.91 19.32
C PHE A 426 -8.25 -14.92 19.90
N ASP A 427 -8.27 -14.86 21.24
CA ASP A 427 -8.58 -13.58 21.92
C ASP A 427 -7.36 -12.72 22.01
N MET A 428 -7.51 -11.42 21.81
CA MET A 428 -6.36 -10.57 21.74
C MET A 428 -6.66 -9.30 22.46
N GLU A 429 -5.64 -8.77 23.17
CA GLU A 429 -5.71 -7.46 23.82
C GLU A 429 -4.46 -6.68 23.53
N TYR A 430 -4.63 -5.43 23.15
CA TYR A 430 -3.55 -4.56 22.79
C TYR A 430 -2.96 -3.95 24.08
N ILE A 431 -1.65 -3.66 24.12
CA ILE A 431 -0.97 -3.18 25.34
C ILE A 431 -0.74 -1.72 25.18
N GLY A 432 -1.38 -0.91 26.02
CA GLY A 432 -1.13 0.55 26.02
C GLY A 432 -2.08 1.32 25.13
N LYS A 433 -1.76 2.57 24.89
CA LYS A 433 -2.53 3.44 24.01
C LYS A 433 -2.16 3.22 22.50
N ILE A 434 -3.13 3.46 21.63
CA ILE A 434 -2.94 3.41 20.20
C ILE A 434 -1.82 4.43 19.86
N PRO A 435 -0.77 4.00 19.15
CA PRO A 435 0.31 4.97 18.84
C PRO A 435 -0.04 6.01 17.81
N ASP A 436 0.88 6.93 17.65
CA ASP A 436 0.81 7.87 16.54
C ASP A 436 1.61 7.29 15.38
N PRO A 437 1.29 7.73 14.14
CA PRO A 437 2.11 7.41 12.97
C PRO A 437 3.55 7.91 13.14
N SER A 438 4.52 7.15 12.66
CA SER A 438 5.93 7.55 12.66
C SER A 438 6.31 7.98 11.24
N TYR A 439 6.67 9.25 11.10
CA TYR A 439 6.96 9.83 9.80
C TYR A 439 8.46 9.73 9.53
N THR A 440 8.90 8.51 9.28
CA THR A 440 10.31 8.19 9.13
C THR A 440 10.60 7.27 7.98
N SER A 441 9.59 6.75 7.31
CA SER A 441 9.78 5.83 6.21
C SER A 441 8.91 6.33 5.07
N LEU A 442 9.08 5.70 3.93
CA LEU A 442 8.37 6.05 2.70
C LEU A 442 6.89 5.69 2.85
N VAL A 443 6.66 4.52 3.44
CA VAL A 443 5.36 4.00 3.72
C VAL A 443 5.20 4.15 5.23
N VAL A 444 4.18 4.88 5.66
CA VAL A 444 4.10 5.30 7.05
C VAL A 444 3.24 4.33 7.85
N GLY A 445 3.84 3.86 8.94
CA GLY A 445 3.27 2.91 9.87
C GLY A 445 3.23 3.42 11.32
N PRO A 446 2.67 2.60 12.23
CA PRO A 446 2.56 3.03 13.64
C PRO A 446 3.92 3.16 14.33
N SER A 447 4.05 4.13 15.24
CA SER A 447 5.26 4.19 16.14
C SER A 447 5.35 2.96 17.02
N PRO A 448 6.50 2.22 16.98
CA PRO A 448 6.70 1.15 17.97
C PRO A 448 6.74 1.70 19.40
N PRO A 449 6.53 0.86 20.41
CA PRO A 449 6.22 -0.54 20.24
C PRO A 449 4.68 -0.78 20.03
N THR A 450 4.34 -1.87 19.31
CA THR A 450 2.95 -2.27 19.07
C THR A 450 2.80 -3.68 19.52
N ARG A 451 2.41 -3.91 20.76
CA ARG A 451 2.38 -5.24 21.30
C ARG A 451 0.98 -5.59 21.76
N MET A 452 0.67 -6.88 21.71
CA MET A 452 -0.63 -7.38 22.14
C MET A 452 -0.48 -8.73 22.79
N ARG A 453 -1.42 -9.07 23.66
CA ARG A 453 -1.52 -10.40 24.25
C ARG A 453 -2.50 -11.20 23.47
N TYR A 454 -2.28 -12.49 23.39
CA TYR A 454 -3.23 -13.31 22.75
C TYR A 454 -3.44 -14.55 23.56
N LYS A 455 -4.57 -15.14 23.32
CA LYS A 455 -4.76 -16.48 23.82
C LYS A 455 -5.68 -17.24 22.91
N LEU A 456 -5.37 -18.49 22.67
CA LEU A 456 -6.11 -19.38 21.83
C LEU A 456 -7.52 -19.58 22.40
N ARG A 457 -8.50 -19.62 21.52
CA ARG A 457 -9.89 -19.86 21.90
C ARG A 457 -10.29 -21.35 22.00
N LYS A 458 -9.61 -22.22 21.25
CA LYS A 458 -9.93 -23.66 21.24
C LYS A 458 -8.75 -24.52 21.76
N GLN A 459 -8.82 -24.88 23.06
CA GLN A 459 -7.87 -25.78 23.70
C GLN A 459 -8.14 -27.23 23.30
CHA HEM B . -1.72 2.99 -6.80
CHB HEM B . -2.73 2.88 -2.08
CHC HEM B . -2.28 -1.90 -2.03
CHD HEM B . -0.77 -1.76 -6.61
C1A HEM B . -2.10 3.29 -5.54
C2A HEM B . -2.36 4.61 -5.15
C3A HEM B . -2.60 4.60 -3.82
C4A HEM B . -2.50 3.27 -3.37
CMA HEM B . -2.89 5.85 -2.98
CAA HEM B . -2.33 5.86 -5.99
CBA HEM B . -0.88 6.36 -6.16
CGA HEM B . -0.85 7.58 -7.11
O1A HEM B . 0.24 8.16 -7.34
O2A HEM B . -1.86 8.05 -7.72
C1B HEM B . -2.74 1.56 -1.62
C2B HEM B . -3.08 1.18 -0.27
C3B HEM B . -2.93 -0.21 -0.21
C4B HEM B . -2.47 -0.60 -1.61
CMB HEM B . -3.39 2.12 0.85
CAB HEM B . -3.22 -1.23 0.83
CBB HEM B . -4.11 -0.99 1.82
C1C HEM B . -1.85 -2.29 -3.27
C2C HEM B . -1.60 -3.59 -3.63
C3C HEM B . -1.14 -3.55 -4.94
C4C HEM B . -1.14 -2.19 -5.37
CMC HEM B . -1.85 -4.77 -2.68
CAC HEM B . -0.72 -4.65 -5.85
CBC HEM B . -0.49 -5.88 -5.44
C1D HEM B . -0.93 -0.43 -6.97
C2D HEM B . -0.59 -0.04 -8.31
C3D HEM B . -0.88 1.24 -8.39
C4D HEM B . -1.33 1.67 -7.07
CMD HEM B . -0.02 -0.94 -9.37
CAD HEM B . -0.62 2.10 -9.59
CBD HEM B . -1.88 2.39 -10.34
CGD HEM B . -1.51 3.16 -11.63
O1D HEM B . -2.10 2.88 -12.71
O2D HEM B . -0.67 4.11 -11.62
NA HEM B . -2.20 2.46 -4.44
NB HEM B . -2.42 0.50 -2.36
NC HEM B . -1.55 -1.45 -4.33
ND HEM B . -1.39 0.61 -6.26
FE HEM B . -1.89 0.55 -4.39
C4 5TV C . 5.28 3.33 -4.43
C8 5TV C . 4.25 0.64 -6.03
F1 5TV C . 7.85 6.45 -4.80
CG 5TV C . 7.08 5.39 -4.59
CD1 5TV C . 7.18 4.54 -3.51
CE1 5TV C . 6.27 3.48 -3.46
CE2 5TV C . 5.22 4.27 -5.44
CD2 5TV C . 6.11 5.28 -5.54
C 5TV C . 4.20 2.27 -4.46
O 5TV C . 3.97 1.92 -5.69
OH 5TV C . 4.79 -0.13 -5.27
C9 5TV C . 3.93 0.32 -7.44
C10 5TV C . 3.58 1.30 -8.34
C11 5TV C . 3.35 0.95 -9.66
CL1 5TV C . 2.88 2.17 -10.81
C12 5TV C . 3.38 -0.34 -10.12
C13 5TV C . 3.68 -1.29 -9.20
C14 5TV C . 3.98 -0.98 -7.89
CL2 5TV C . 3.78 -2.91 -9.76
CA 5TV C . 3.06 2.91 -3.70
N 5TV C . 1.98 1.90 -3.51
C16 5TV C . 0.77 1.76 -4.19
N2 5TV C . 0.02 0.74 -3.76
C17 5TV C . 0.81 0.18 -2.76
C18 5TV C . 2.00 0.88 -2.60
C1 GOL D . 5.77 9.37 -1.79
O1 GOL D . 7.18 9.74 -1.79
C2 GOL D . 5.55 7.87 -2.14
O2 GOL D . 5.27 7.10 -0.97
C3 GOL D . 4.42 7.56 -3.14
O3 GOL D . 3.12 7.26 -2.61
#